data_3GOG
#
_entry.id   3GOG
#
_cell.length_a   132.510
_cell.length_b   35.120
_cell.length_c   41.760
_cell.angle_alpha   90.00
_cell.angle_beta   90.57
_cell.angle_gamma   90.00
#
_symmetry.space_group_name_H-M   'C 1 2 1'
#
loop_
_entity.id
_entity.type
_entity.pdbx_description
1 polymer 'Guanine riboswitch'
2 non-polymer 6-chloroguanine
3 non-polymer 'ACETATE ION'
4 non-polymer 'COBALT HEXAMMINE(III)'
5 water water
#
_entity_poly.entity_id   1
_entity_poly.type   'polyribonucleotide'
_entity_poly.pdbx_seq_one_letter_code
;GGACAUGUAAUCGCGUGGAUAUGGCACGCAAGUUUCUACCGGGCACCGUAAAUGUCCGACCAUGUCC
;
_entity_poly.pdbx_strand_id   A
#